data_6FYR
#
_entry.id   6FYR
#
_cell.length_a   108.932
_cell.length_b   44.929
_cell.length_c   83.635
_cell.angle_alpha   90.000
_cell.angle_beta   114.820
_cell.angle_gamma   90.000
#
_symmetry.space_group_name_H-M   'C 1 2 1'
#
loop_
_entity.id
_entity.type
_entity.pdbx_description
1 polymer 'Dual specificity protein kinase CLK3'
2 non-polymer 6-~{tert}-butyl-~{N}-[6-(1~{H}-pyrazol-4-yl)-1~{H}-imidazo[1,2-a]pyridin-2-yl]pyridine-3-carboxamide
3 water water
#
_entity_poly.entity_id   1
_entity_poly.type   'polypeptide(L)'
_entity_poly.pdbx_seq_one_letter_code
;GPQSSKRSSRSVEDDKEGHLVCRIGDWLQERYEIVGNLGEGTFGKVVECLDHARGKSQVALKIIRNVGKYREAARLEINV
LKKIKEKDKENKFLCVLMSDWFNFHGHMCIAFELLGKNTFEFLKENNFQPYPLPHVRHMAYQLCHALRFLHENQLTHTDL
KPENILFVNSEFETLYNEHKSCEEKSVKNTSIRVADFGSATFDHEHHTTIVATRHYRPPEVILELGWAQPCDVWSIGCIL
FEYYRGFTLFQTHENREHLVMMEKILGPIPSHMIHRTRKQKYFYKGGLVWDENSSDGRYVKENCKPLKSYMLQDSLEHVQ
LFDLMRRMLEFDPAQRITLAEALLHPFFAGLTPEERSFHT
;
_entity_poly.pdbx_strand_id   A
#
loop_
_chem_comp.id
_chem_comp.type
_chem_comp.name
_chem_comp.formula
EAQ non-polymer 6-~{tert}-butyl-~{N}-[6-(1~{H}-pyrazol-4-yl)-1~{H}-imidazo[1,2-a]pyridin-2-yl]pyridine-3-carboxamide 'C20 H20 N6 O'
#
# COMPACT_ATOMS: atom_id res chain seq x y z
N SER A 4 25.07 -22.26 -16.34
CA SER A 4 24.18 -22.99 -17.29
C SER A 4 22.91 -23.47 -16.58
N SER A 5 21.79 -23.45 -17.31
CA SER A 5 20.46 -23.62 -16.72
C SER A 5 20.19 -24.95 -16.00
N LYS A 6 20.48 -26.08 -16.66
CA LYS A 6 20.12 -27.39 -16.12
C LYS A 6 20.91 -27.72 -14.85
N ARG A 7 22.24 -27.56 -14.93
CA ARG A 7 23.13 -27.81 -13.82
C ARG A 7 22.83 -26.90 -12.62
N SER A 8 22.67 -25.61 -12.89
CA SER A 8 22.42 -24.65 -11.81
C SER A 8 21.11 -24.96 -11.08
N SER A 9 20.06 -25.28 -11.85
CA SER A 9 18.74 -25.53 -11.27
C SER A 9 18.67 -26.74 -10.34
N ARG A 10 19.54 -27.73 -10.56
CA ARG A 10 19.54 -28.93 -9.74
C ARG A 10 20.51 -28.89 -8.55
N SER A 11 21.46 -27.96 -8.60
CA SER A 11 22.46 -27.79 -7.54
C SER A 11 21.93 -26.83 -6.46
N VAL A 12 21.43 -27.39 -5.34
CA VAL A 12 20.60 -26.62 -4.38
C VAL A 12 20.82 -26.98 -2.89
N GLU A 13 20.93 -25.95 -2.05
CA GLU A 13 20.90 -26.13 -0.59
C GLU A 13 20.32 -24.90 0.09
N ASP A 14 19.95 -25.07 1.36
CA ASP A 14 19.47 -23.99 2.21
C ASP A 14 20.52 -23.61 3.24
N ASP A 15 20.40 -22.39 3.75
CA ASP A 15 21.17 -21.98 4.92
C ASP A 15 20.41 -22.40 6.19
N LYS A 16 20.98 -22.13 7.36
CA LYS A 16 20.41 -22.63 8.63
C LYS A 16 19.07 -21.99 8.99
N GLU A 17 18.74 -20.88 8.34
CA GLU A 17 17.50 -20.14 8.59
C GLU A 17 16.42 -20.47 7.55
N GLY A 18 16.71 -21.40 6.65
CA GLY A 18 15.75 -21.81 5.64
C GLY A 18 15.72 -20.96 4.38
N HIS A 19 16.69 -20.06 4.23
CA HIS A 19 16.82 -19.32 2.99
C HIS A 19 17.49 -20.19 1.94
N LEU A 20 17.02 -20.08 0.70
CA LEU A 20 17.70 -20.71 -0.42
C LEU A 20 19.07 -20.04 -0.58
N VAL A 21 20.13 -20.84 -0.58
CA VAL A 21 21.47 -20.32 -0.84
C VAL A 21 21.55 -20.07 -2.34
N CYS A 22 21.58 -18.80 -2.72
CA CYS A 22 21.65 -18.43 -4.13
C CYS A 22 22.30 -17.07 -4.33
N ARG A 23 22.85 -16.89 -5.52
CA ARG A 23 23.46 -15.63 -5.88
C ARG A 23 23.09 -15.26 -7.31
N ILE A 24 23.30 -13.99 -7.66
CA ILE A 24 23.13 -13.53 -9.03
C ILE A 24 23.94 -14.46 -9.94
N GLY A 25 23.29 -14.96 -10.99
CA GLY A 25 23.88 -15.94 -11.89
C GLY A 25 23.23 -17.33 -11.81
N ASP A 26 22.65 -17.65 -10.65
CA ASP A 26 21.96 -18.93 -10.45
C ASP A 26 20.66 -19.01 -11.24
N TRP A 27 20.20 -20.24 -11.48
CA TRP A 27 18.96 -20.52 -12.21
C TRP A 27 17.95 -21.28 -11.36
N LEU A 28 16.67 -21.10 -11.68
CA LEU A 28 15.60 -21.91 -11.12
C LEU A 28 14.71 -22.43 -12.24
N GLN A 29 14.24 -23.68 -12.10
CA GLN A 29 13.30 -24.30 -13.05
C GLN A 29 13.83 -24.39 -14.49
N GLU A 30 15.15 -24.36 -14.65
CA GLU A 30 15.79 -24.30 -15.98
C GLU A 30 15.16 -23.22 -16.86
N ARG A 31 14.81 -22.10 -16.21
CA ARG A 31 13.99 -21.07 -16.81
C ARG A 31 14.35 -19.66 -16.36
N TYR A 32 14.49 -19.47 -15.05
CA TYR A 32 14.74 -18.15 -14.48
C TYR A 32 16.20 -17.97 -14.14
N GLU A 33 16.82 -16.95 -14.72
CA GLU A 33 18.19 -16.61 -14.43
C GLU A 33 18.23 -15.38 -13.54
N ILE A 34 18.80 -15.52 -12.35
CA ILE A 34 18.88 -14.40 -11.41
C ILE A 34 19.88 -13.36 -11.92
N VAL A 35 19.43 -12.12 -12.08
CA VAL A 35 20.30 -11.04 -12.56
C VAL A 35 20.44 -9.86 -11.60
N GLY A 36 19.60 -9.82 -10.56
CA GLY A 36 19.66 -8.74 -9.59
C GLY A 36 18.90 -9.01 -8.32
N ASN A 37 19.15 -8.17 -7.32
CA ASN A 37 18.41 -8.20 -6.06
C ASN A 37 17.43 -7.05 -6.01
N LEU A 38 16.21 -7.33 -5.53
CA LEU A 38 15.18 -6.30 -5.47
C LEU A 38 14.82 -5.92 -4.05
N GLY A 39 14.97 -6.87 -3.13
CA GLY A 39 14.62 -6.65 -1.73
C GLY A 39 14.59 -7.93 -0.96
N GLU A 40 14.35 -7.82 0.34
CA GLU A 40 14.42 -8.94 1.26
C GLU A 40 13.60 -8.64 2.50
N GLY A 41 13.15 -9.70 3.19
CA GLY A 41 12.47 -9.58 4.48
C GLY A 41 12.62 -10.86 5.26
N THR A 42 11.85 -11.01 6.34
CA THR A 42 11.86 -12.25 7.12
C THR A 42 11.20 -13.39 6.33
N PHE A 43 10.45 -13.04 5.30
CA PHE A 43 9.73 -14.00 4.46
C PHE A 43 10.65 -14.79 3.52
N GLY A 44 11.75 -14.16 3.12
CA GLY A 44 12.58 -14.65 2.01
C GLY A 44 13.18 -13.50 1.24
N LYS A 45 13.38 -13.68 -0.06
CA LYS A 45 14.02 -12.65 -0.89
C LYS A 45 13.21 -12.40 -2.13
N VAL A 46 13.40 -11.22 -2.73
CA VAL A 46 12.85 -10.90 -4.04
C VAL A 46 14.03 -10.61 -4.97
N VAL A 47 14.09 -11.35 -6.07
CA VAL A 47 15.20 -11.20 -7.02
C VAL A 47 14.67 -10.82 -8.41
N GLU A 48 15.45 -10.06 -9.16
CA GLU A 48 15.14 -9.84 -10.57
C GLU A 48 15.70 -11.02 -11.37
N CYS A 49 14.87 -11.59 -12.23
CA CYS A 49 15.27 -12.67 -13.11
C CYS A 49 14.96 -12.35 -14.56
N LEU A 50 15.69 -12.98 -15.46
CA LEU A 50 15.28 -13.07 -16.85
C LEU A 50 14.54 -14.38 -17.02
N ASP A 51 13.37 -14.31 -17.62
CA ASP A 51 12.54 -15.49 -17.86
C ASP A 51 12.83 -15.99 -19.27
N HIS A 52 13.72 -16.98 -19.36
CA HIS A 52 14.19 -17.47 -20.66
C HIS A 52 13.11 -18.20 -21.46
N ALA A 53 12.09 -18.71 -20.78
CA ALA A 53 10.96 -19.36 -21.47
C ALA A 53 9.91 -18.37 -21.97
N ARG A 54 10.11 -17.09 -21.68
CA ARG A 54 9.24 -16.01 -22.15
C ARG A 54 10.07 -14.87 -22.76
N GLY A 55 11.02 -15.24 -23.62
CA GLY A 55 11.83 -14.26 -24.35
C GLY A 55 12.82 -13.44 -23.55
N LYS A 56 13.28 -13.98 -22.42
CA LYS A 56 14.19 -13.28 -21.50
C LYS A 56 13.54 -12.03 -20.88
N SER A 57 12.21 -12.06 -20.76
CA SER A 57 11.48 -10.96 -20.13
CA SER A 57 11.48 -10.96 -20.13
C SER A 57 11.88 -10.84 -18.66
N GLN A 58 11.83 -9.62 -18.15
CA GLN A 58 12.21 -9.33 -16.77
C GLN A 58 11.09 -9.61 -15.80
N VAL A 59 11.41 -10.38 -14.76
CA VAL A 59 10.45 -10.67 -13.70
C VAL A 59 11.02 -10.33 -12.33
N ALA A 60 10.11 -10.05 -11.40
CA ALA A 60 10.45 -10.04 -9.99
C ALA A 60 10.02 -11.38 -9.44
N LEU A 61 10.95 -12.10 -8.82
CA LEU A 61 10.68 -13.44 -8.28
C LEU A 61 10.84 -13.44 -6.77
N LYS A 62 9.73 -13.71 -6.08
CA LYS A 62 9.74 -13.83 -4.63
C LYS A 62 10.07 -15.28 -4.29
N ILE A 63 11.15 -15.48 -3.54
CA ILE A 63 11.56 -16.81 -3.11
C ILE A 63 11.38 -16.90 -1.60
N ILE A 64 10.39 -17.67 -1.18
CA ILE A 64 10.01 -17.72 0.23
CA ILE A 64 9.99 -17.76 0.22
C ILE A 64 10.86 -18.75 0.99
N ARG A 65 11.19 -18.41 2.23
CA ARG A 65 11.98 -19.29 3.08
C ARG A 65 11.32 -20.66 3.28
N ASN A 66 12.17 -21.65 3.51
CA ASN A 66 11.75 -23.00 3.78
C ASN A 66 11.38 -23.16 5.26
N VAL A 67 10.31 -22.47 5.65
CA VAL A 67 9.79 -22.49 7.01
C VAL A 67 8.28 -22.61 6.88
N GLY A 68 7.68 -23.54 7.62
CA GLY A 68 6.26 -23.86 7.50
C GLY A 68 5.33 -22.67 7.47
N LYS A 69 5.51 -21.76 8.43
CA LYS A 69 4.65 -20.58 8.58
C LYS A 69 4.67 -19.71 7.33
N TYR A 70 5.85 -19.50 6.76
CA TYR A 70 6.00 -18.68 5.56
C TYR A 70 5.50 -19.41 4.30
N ARG A 71 5.72 -20.73 4.24
CA ARG A 71 5.23 -21.55 3.13
C ARG A 71 3.71 -21.53 3.06
N GLU A 72 3.06 -21.74 4.21
CA GLU A 72 1.60 -21.69 4.30
C GLU A 72 1.04 -20.33 3.93
N ALA A 73 1.68 -19.26 4.43
CA ALA A 73 1.26 -17.90 4.09
C ALA A 73 1.35 -17.64 2.59
N ALA A 74 2.40 -18.17 1.97
CA ALA A 74 2.64 -17.98 0.54
C ALA A 74 1.60 -18.70 -0.32
N ARG A 75 1.13 -19.84 0.15
CA ARG A 75 0.05 -20.57 -0.54
C ARG A 75 -1.25 -19.76 -0.56
N LEU A 76 -1.54 -19.05 0.53
CA LEU A 76 -2.70 -18.17 0.59
C LEU A 76 -2.53 -16.99 -0.35
N GLU A 77 -1.32 -16.43 -0.38
CA GLU A 77 -1.01 -15.34 -1.30
C GLU A 77 -1.24 -15.77 -2.75
N ILE A 78 -0.73 -16.95 -3.11
CA ILE A 78 -0.92 -17.51 -4.44
C ILE A 78 -2.40 -17.67 -4.79
N ASN A 79 -3.20 -18.11 -3.82
CA ASN A 79 -4.66 -18.24 -4.01
CA ASN A 79 -4.64 -18.25 -4.02
C ASN A 79 -5.28 -16.90 -4.36
N VAL A 80 -4.87 -15.85 -3.64
CA VAL A 80 -5.37 -14.51 -3.93
C VAL A 80 -4.96 -14.07 -5.34
N LEU A 81 -3.68 -14.25 -5.67
CA LEU A 81 -3.16 -13.84 -6.98
C LEU A 81 -3.81 -14.60 -8.13
N LYS A 82 -4.14 -15.86 -7.90
CA LYS A 82 -4.86 -16.67 -8.88
C LYS A 82 -6.25 -16.10 -9.17
N LYS A 83 -6.94 -15.67 -8.12
CA LYS A 83 -8.28 -15.07 -8.28
C LYS A 83 -8.21 -13.77 -9.08
N ILE A 84 -7.25 -12.92 -8.75
CA ILE A 84 -7.03 -11.68 -9.46
C ILE A 84 -6.79 -11.94 -10.96
N LYS A 85 -5.92 -12.91 -11.24
CA LYS A 85 -5.57 -13.28 -12.61
C LYS A 85 -6.79 -13.82 -13.37
N GLU A 86 -7.58 -14.65 -12.68
CA GLU A 86 -8.82 -15.22 -13.25
C GLU A 86 -9.82 -14.14 -13.65
N LYS A 87 -9.90 -13.09 -12.83
CA LYS A 87 -10.91 -12.04 -12.99
C LYS A 87 -10.48 -10.82 -13.81
N ASP A 88 -9.20 -10.74 -14.15
CA ASP A 88 -8.68 -9.60 -14.93
C ASP A 88 -8.02 -10.06 -16.24
N LYS A 89 -8.84 -10.53 -17.17
CA LYS A 89 -8.35 -11.09 -18.44
C LYS A 89 -7.72 -10.06 -19.38
N GLU A 90 -8.12 -8.80 -19.24
CA GLU A 90 -7.61 -7.72 -20.08
C GLU A 90 -6.46 -6.94 -19.46
N ASN A 91 -6.03 -7.37 -18.27
CA ASN A 91 -4.97 -6.70 -17.54
C ASN A 91 -5.28 -5.21 -17.39
N LYS A 92 -6.45 -4.92 -16.82
CA LYS A 92 -6.89 -3.53 -16.71
C LYS A 92 -7.23 -3.08 -15.28
N PHE A 93 -7.13 -4.00 -14.31
CA PHE A 93 -7.51 -3.64 -12.94
C PHE A 93 -6.34 -3.29 -12.02
N LEU A 94 -5.13 -3.28 -12.57
CA LEU A 94 -3.96 -2.64 -11.94
C LEU A 94 -3.45 -3.32 -10.68
N CYS A 95 -3.89 -4.55 -10.41
CA CYS A 95 -3.30 -5.36 -9.34
C CYS A 95 -2.26 -6.25 -9.99
N VAL A 96 -1.07 -6.36 -9.39
CA VAL A 96 0.01 -7.17 -9.96
C VAL A 96 -0.49 -8.53 -10.47
N LEU A 97 -0.14 -8.86 -11.70
CA LEU A 97 -0.53 -10.15 -12.24
C LEU A 97 0.64 -11.11 -12.09
N MET A 98 0.38 -12.19 -11.36
CA MET A 98 1.37 -13.24 -11.15
C MET A 98 1.54 -13.98 -12.47
N SER A 99 2.78 -14.10 -12.94
CA SER A 99 3.05 -14.79 -14.19
C SER A 99 3.35 -16.28 -14.02
N ASP A 100 3.75 -16.66 -12.82
CA ASP A 100 4.11 -18.05 -12.54
C ASP A 100 4.22 -18.24 -11.02
N TRP A 101 4.03 -19.47 -10.57
CA TRP A 101 4.40 -19.85 -9.21
C TRP A 101 4.83 -21.30 -9.20
N PHE A 102 5.67 -21.66 -8.24
CA PHE A 102 6.14 -23.04 -8.14
C PHE A 102 6.73 -23.31 -6.77
N ASN A 103 6.88 -24.59 -6.43
CA ASN A 103 7.55 -25.01 -5.22
C ASN A 103 8.94 -25.50 -5.62
N PHE A 104 9.96 -24.74 -5.24
CA PHE A 104 11.34 -25.05 -5.55
C PHE A 104 12.01 -25.60 -4.28
N HIS A 105 12.02 -26.92 -4.15
CA HIS A 105 12.65 -27.59 -3.00
C HIS A 105 12.18 -27.04 -1.65
N GLY A 106 10.87 -26.83 -1.55
CA GLY A 106 10.26 -26.32 -0.32
C GLY A 106 10.03 -24.82 -0.33
N HIS A 107 10.73 -24.12 -1.21
CA HIS A 107 10.59 -22.68 -1.34
C HIS A 107 9.46 -22.32 -2.30
N MET A 108 8.40 -21.73 -1.78
CA MET A 108 7.37 -21.18 -2.64
C MET A 108 7.95 -19.99 -3.40
N CYS A 109 7.77 -20.01 -4.72
CA CYS A 109 8.28 -18.95 -5.58
C CYS A 109 7.14 -18.35 -6.38
N ILE A 110 7.12 -17.02 -6.45
CA ILE A 110 6.06 -16.31 -7.15
C ILE A 110 6.70 -15.30 -8.08
N ALA A 111 6.35 -15.37 -9.37
CA ALA A 111 6.90 -14.48 -10.39
C ALA A 111 5.88 -13.42 -10.81
N PHE A 112 6.37 -12.20 -10.99
CA PHE A 112 5.55 -11.07 -11.42
C PHE A 112 6.30 -10.33 -12.52
N GLU A 113 5.59 -9.66 -13.44
CA GLU A 113 6.29 -8.77 -14.37
C GLU A 113 6.99 -7.66 -13.57
N LEU A 114 8.19 -7.31 -14.00
CA LEU A 114 9.00 -6.33 -13.30
C LEU A 114 8.44 -4.93 -13.45
N LEU A 115 8.34 -4.24 -12.31
CA LEU A 115 7.88 -2.86 -12.27
C LEU A 115 9.02 -1.95 -11.83
N GLY A 116 8.73 -0.67 -11.68
CA GLY A 116 9.75 0.30 -11.25
C GLY A 116 9.71 0.60 -9.76
N LYS A 117 10.20 1.78 -9.38
CA LYS A 117 10.25 2.18 -7.98
C LYS A 117 8.86 2.27 -7.39
N ASN A 118 8.75 1.99 -6.10
CA ASN A 118 7.49 2.22 -5.41
C ASN A 118 7.28 3.72 -5.11
N THR A 119 6.05 4.09 -4.77
CA THR A 119 5.71 5.50 -4.59
C THR A 119 6.33 6.14 -3.34
N PHE A 120 6.71 5.32 -2.35
CA PHE A 120 7.44 5.84 -1.20
C PHE A 120 8.88 6.17 -1.59
N GLU A 121 9.54 5.22 -2.22
CA GLU A 121 10.92 5.40 -2.67
CA GLU A 121 10.92 5.41 -2.66
C GLU A 121 11.05 6.63 -3.57
N PHE A 122 10.09 6.79 -4.50
CA PHE A 122 10.10 7.96 -5.36
C PHE A 122 9.96 9.27 -4.57
N LEU A 123 9.02 9.29 -3.63
CA LEU A 123 8.84 10.45 -2.75
C LEU A 123 10.13 10.79 -2.00
N LYS A 124 10.74 9.76 -1.42
CA LYS A 124 11.98 9.90 -0.69
CA LYS A 124 11.99 9.88 -0.69
C LYS A 124 13.09 10.48 -1.58
N GLU A 125 13.18 9.98 -2.80
CA GLU A 125 14.23 10.44 -3.72
CA GLU A 125 14.18 10.43 -3.78
C GLU A 125 13.94 11.87 -4.22
N ASN A 126 12.72 12.34 -3.99
CA ASN A 126 12.35 13.74 -4.26
C ASN A 126 12.40 14.58 -3.00
N ASN A 127 13.18 14.13 -2.01
CA ASN A 127 13.35 14.86 -0.74
C ASN A 127 12.01 15.10 -0.03
N PHE A 128 11.08 14.16 -0.21
CA PHE A 128 9.74 14.22 0.38
C PHE A 128 8.90 15.40 -0.08
N GLN A 129 9.30 16.01 -1.19
CA GLN A 129 8.47 17.03 -1.81
C GLN A 129 7.30 16.31 -2.49
N PRO A 130 6.08 16.82 -2.30
CA PRO A 130 4.91 16.03 -2.69
C PRO A 130 4.67 15.92 -4.19
N TYR A 131 3.84 14.96 -4.56
CA TYR A 131 3.38 14.81 -5.92
C TYR A 131 2.45 15.97 -6.29
N PRO A 132 2.55 16.48 -7.53
CA PRO A 132 1.60 17.53 -7.97
C PRO A 132 0.16 17.01 -7.90
N LEU A 133 -0.81 17.90 -7.72
CA LEU A 133 -2.20 17.47 -7.58
CA LEU A 133 -2.20 17.47 -7.58
C LEU A 133 -2.69 16.57 -8.72
N PRO A 134 -2.36 16.90 -10.00
CA PRO A 134 -2.85 15.98 -11.06
C PRO A 134 -2.30 14.55 -10.90
N HIS A 135 -1.08 14.44 -10.36
CA HIS A 135 -0.50 13.13 -10.06
C HIS A 135 -1.23 12.44 -8.91
N VAL A 136 -1.48 13.18 -7.83
CA VAL A 136 -2.30 12.66 -6.73
C VAL A 136 -3.66 12.18 -7.25
N ARG A 137 -4.29 12.97 -8.10
CA ARG A 137 -5.60 12.63 -8.65
C ARG A 137 -5.57 11.35 -9.50
N HIS A 138 -4.60 11.26 -10.41
CA HIS A 138 -4.48 10.07 -11.25
C HIS A 138 -4.18 8.82 -10.43
N MET A 139 -3.25 8.93 -9.48
CA MET A 139 -2.95 7.79 -8.61
C MET A 139 -4.15 7.42 -7.74
N ALA A 140 -4.88 8.41 -7.25
CA ALA A 140 -6.11 8.16 -6.48
C ALA A 140 -7.12 7.38 -7.30
N TYR A 141 -7.33 7.81 -8.54
CA TYR A 141 -8.28 7.14 -9.41
C TYR A 141 -7.90 5.68 -9.64
N GLN A 142 -6.62 5.45 -9.89
CA GLN A 142 -6.12 4.10 -10.09
C GLN A 142 -6.28 3.20 -8.86
N LEU A 143 -5.97 3.77 -7.68
CA LEU A 143 -6.15 3.02 -6.43
C LEU A 143 -7.61 2.66 -6.18
N CYS A 144 -8.50 3.62 -6.43
CA CYS A 144 -9.93 3.34 -6.26
C CYS A 144 -10.42 2.27 -7.24
N HIS A 145 -9.93 2.35 -8.48
CA HIS A 145 -10.26 1.41 -9.52
C HIS A 145 -9.77 -0.01 -9.17
N ALA A 146 -8.50 -0.10 -8.76
CA ALA A 146 -7.90 -1.39 -8.44
C ALA A 146 -8.57 -2.05 -7.26
N LEU A 147 -8.77 -1.28 -6.19
CA LEU A 147 -9.33 -1.85 -4.98
C LEU A 147 -10.84 -2.08 -5.06
N ARG A 148 -11.54 -1.29 -5.88
CA ARG A 148 -12.96 -1.56 -6.13
C ARG A 148 -13.10 -2.97 -6.73
N PHE A 149 -12.22 -3.27 -7.71
CA PHE A 149 -12.16 -4.60 -8.31
C PHE A 149 -11.86 -5.69 -7.28
N LEU A 150 -10.85 -5.46 -6.44
CA LEU A 150 -10.51 -6.43 -5.39
C LEU A 150 -11.72 -6.66 -4.47
N HIS A 151 -12.35 -5.56 -4.06
CA HIS A 151 -13.46 -5.63 -3.13
C HIS A 151 -14.67 -6.39 -3.69
N GLU A 152 -14.93 -6.23 -4.99
CA GLU A 152 -16.03 -6.95 -5.66
C GLU A 152 -15.79 -8.46 -5.67
N ASN A 153 -14.54 -8.86 -5.44
CA ASN A 153 -14.17 -10.27 -5.42
C ASN A 153 -13.95 -10.81 -4.00
N GLN A 154 -14.66 -10.24 -3.03
CA GLN A 154 -14.66 -10.71 -1.64
CA GLN A 154 -14.66 -10.71 -1.63
C GLN A 154 -13.26 -10.73 -1.04
N LEU A 155 -12.46 -9.73 -1.40
CA LEU A 155 -11.08 -9.62 -0.95
C LEU A 155 -10.82 -8.26 -0.33
N THR A 156 -9.89 -8.24 0.62
CA THR A 156 -9.41 -7.02 1.26
C THR A 156 -7.89 -7.14 1.27
N HIS A 157 -7.20 -6.07 0.87
CA HIS A 157 -5.74 -6.11 0.79
C HIS A 157 -5.09 -6.12 2.19
N THR A 158 -5.53 -5.17 3.01
CA THR A 158 -5.15 -4.97 4.43
C THR A 158 -3.82 -4.29 4.69
N ASP A 159 -2.98 -4.16 3.68
CA ASP A 159 -1.66 -3.56 3.90
C ASP A 159 -1.31 -2.57 2.80
N LEU A 160 -2.26 -1.72 2.45
CA LEU A 160 -1.99 -0.66 1.49
C LEU A 160 -1.15 0.43 2.13
N LYS A 161 -0.09 0.81 1.43
CA LYS A 161 0.85 1.82 1.90
C LYS A 161 1.66 2.23 0.68
N PRO A 162 2.31 3.39 0.73
CA PRO A 162 3.03 3.84 -0.48
C PRO A 162 4.10 2.86 -0.96
N GLU A 163 4.72 2.11 -0.04
CA GLU A 163 5.74 1.13 -0.40
C GLU A 163 5.18 -0.02 -1.24
N ASN A 164 3.87 -0.24 -1.16
CA ASN A 164 3.24 -1.34 -1.87
C ASN A 164 2.53 -0.91 -3.16
N ILE A 165 2.72 0.36 -3.53
CA ILE A 165 2.20 0.88 -4.79
C ILE A 165 3.40 1.17 -5.67
N LEU A 166 3.48 0.51 -6.83
CA LEU A 166 4.66 0.58 -7.67
C LEU A 166 4.36 1.26 -9.01
N PHE A 167 5.26 2.14 -9.45
CA PHE A 167 5.15 2.69 -10.79
C PHE A 167 5.49 1.64 -11.83
N VAL A 168 4.71 1.60 -12.91
CA VAL A 168 5.05 0.77 -14.08
C VAL A 168 6.44 1.18 -14.58
N ASN A 169 6.67 2.49 -14.66
CA ASN A 169 7.94 3.05 -15.05
C ASN A 169 8.17 4.31 -14.22
N SER A 170 9.22 4.29 -13.40
CA SER A 170 9.46 5.38 -12.46
C SER A 170 10.43 6.45 -12.98
N GLU A 171 10.70 6.44 -14.29
CA GLU A 171 11.55 7.48 -14.89
C GLU A 171 10.99 8.87 -14.59
N PHE A 172 11.88 9.78 -14.20
CA PHE A 172 11.45 11.12 -13.82
C PHE A 172 12.00 12.20 -14.74
N GLU A 173 11.33 13.34 -14.69
CA GLU A 173 11.83 14.56 -15.30
C GLU A 173 12.32 15.47 -14.19
N THR A 174 13.31 16.28 -14.51
CA THR A 174 13.79 17.28 -13.60
C THR A 174 12.99 18.56 -13.87
N LEU A 175 12.45 19.15 -12.81
CA LEU A 175 11.84 20.47 -12.92
C LEU A 175 12.89 21.54 -12.68
N TYR A 176 13.62 21.41 -11.57
CA TYR A 176 14.69 22.35 -11.22
C TYR A 176 15.82 21.59 -10.55
N ASN A 177 17.03 22.10 -10.69
CA ASN A 177 18.16 21.61 -9.92
C ASN A 177 19.10 22.75 -9.58
N GLU A 178 18.72 23.54 -8.58
CA GLU A 178 19.53 24.70 -8.20
C GLU A 178 20.65 24.33 -7.24
N HIS A 179 21.78 25.03 -7.41
CA HIS A 179 22.96 24.88 -6.57
C HIS A 179 22.60 25.00 -5.09
N LYS A 180 23.03 24.00 -4.31
CA LYS A 180 22.82 23.94 -2.85
C LYS A 180 21.43 23.48 -2.42
N SER A 181 20.63 22.99 -3.37
CA SER A 181 19.28 22.49 -3.08
C SER A 181 19.05 21.13 -3.75
N CYS A 182 18.10 20.36 -3.21
CA CYS A 182 17.74 19.08 -3.78
C CYS A 182 17.07 19.26 -5.13
N GLU A 183 17.36 18.34 -6.05
CA GLU A 183 16.73 18.30 -7.35
C GLU A 183 15.22 18.10 -7.18
N GLU A 184 14.44 18.89 -7.92
CA GLU A 184 12.99 18.78 -7.87
C GLU A 184 12.55 17.90 -9.04
N LYS A 185 11.88 16.79 -8.73
CA LYS A 185 11.58 15.75 -9.71
C LYS A 185 10.08 15.48 -9.80
N SER A 186 9.64 15.09 -10.99
CA SER A 186 8.29 14.61 -11.20
CA SER A 186 8.28 14.60 -11.21
C SER A 186 8.34 13.33 -12.03
N VAL A 187 7.55 12.33 -11.65
CA VAL A 187 7.49 11.10 -12.42
C VAL A 187 6.83 11.43 -13.77
N LYS A 188 7.35 10.84 -14.85
CA LYS A 188 6.80 11.11 -16.17
C LYS A 188 5.45 10.42 -16.39
N ASN A 189 5.41 9.13 -16.07
CA ASN A 189 4.21 8.33 -16.20
C ASN A 189 3.72 7.89 -14.83
N THR A 190 2.50 8.27 -14.48
CA THR A 190 1.91 7.99 -13.17
C THR A 190 1.11 6.69 -13.12
N SER A 191 1.24 5.84 -14.13
CA SER A 191 0.61 4.52 -14.09
C SER A 191 1.21 3.69 -12.96
N ILE A 192 0.33 3.12 -12.14
CA ILE A 192 0.74 2.36 -10.96
CA ILE A 192 0.76 2.35 -10.97
C ILE A 192 0.13 0.97 -10.95
N ARG A 193 0.70 0.10 -10.11
CA ARG A 193 0.14 -1.21 -9.80
C ARG A 193 0.14 -1.39 -8.30
N VAL A 194 -0.89 -2.06 -7.82
CA VAL A 194 -0.98 -2.48 -6.42
C VAL A 194 -0.24 -3.80 -6.25
N ALA A 195 0.72 -3.81 -5.35
CA ALA A 195 1.54 -4.99 -5.09
C ALA A 195 1.35 -5.55 -3.69
N ASP A 196 2.04 -6.65 -3.42
CA ASP A 196 2.08 -7.32 -2.11
C ASP A 196 0.73 -7.75 -1.58
N PHE A 197 0.23 -8.84 -2.16
CA PHE A 197 -1.00 -9.47 -1.68
C PHE A 197 -0.76 -10.53 -0.60
N GLY A 198 0.40 -10.43 0.06
CA GLY A 198 0.79 -11.35 1.13
C GLY A 198 -0.01 -11.28 2.43
N SER A 199 -0.84 -10.25 2.56
CA SER A 199 -1.74 -10.14 3.73
C SER A 199 -3.21 -10.17 3.32
N ALA A 200 -3.46 -10.26 2.01
CA ALA A 200 -4.81 -10.14 1.48
C ALA A 200 -5.68 -11.33 1.91
N THR A 201 -6.93 -11.04 2.23
CA THR A 201 -7.80 -11.96 2.93
C THR A 201 -9.15 -12.03 2.26
N PHE A 202 -9.62 -13.25 1.98
CA PHE A 202 -10.99 -13.44 1.47
C PHE A 202 -12.00 -13.27 2.60
N ASP A 203 -13.23 -12.90 2.25
CA ASP A 203 -14.28 -12.65 3.25
C ASP A 203 -14.47 -13.83 4.22
N HIS A 204 -14.35 -15.06 3.70
CA HIS A 204 -14.66 -16.27 4.47
C HIS A 204 -13.51 -16.80 5.31
N GLU A 205 -12.32 -16.23 5.12
CA GLU A 205 -11.11 -16.71 5.78
C GLU A 205 -10.92 -16.08 7.14
N HIS A 206 -10.07 -16.70 7.96
CA HIS A 206 -9.65 -16.11 9.22
C HIS A 206 -9.09 -14.71 8.97
N HIS A 207 -9.57 -13.75 9.75
CA HIS A 207 -9.08 -12.39 9.71
C HIS A 207 -8.05 -12.18 10.80
N THR A 208 -6.82 -11.88 10.40
CA THR A 208 -5.79 -11.43 11.34
C THR A 208 -6.36 -10.22 12.11
N THR A 209 -6.12 -10.16 13.40
CA THR A 209 -6.69 -9.09 14.23
C THR A 209 -6.05 -7.74 13.94
N ILE A 210 -4.74 -7.64 14.12
CA ILE A 210 -4.04 -6.39 13.89
C ILE A 210 -3.42 -6.39 12.50
N VAL A 211 -4.11 -5.73 11.58
CA VAL A 211 -3.65 -5.66 10.19
C VAL A 211 -3.21 -4.24 9.88
N ALA A 212 -2.60 -4.11 8.69
CA ALA A 212 -2.08 -2.84 8.17
C ALA A 212 -0.82 -2.36 8.89
N THR A 213 -0.09 -1.51 8.20
CA THR A 213 1.06 -0.84 8.77
C THR A 213 0.53 0.36 9.57
N ARG A 214 1.16 0.65 10.70
CA ARG A 214 0.71 1.68 11.65
C ARG A 214 -0.02 2.87 11.04
N HIS A 215 0.67 3.60 10.17
CA HIS A 215 0.18 4.88 9.67
C HIS A 215 -1.11 4.77 8.88
N TYR A 216 -1.36 3.58 8.34
CA TYR A 216 -2.47 3.33 7.41
C TYR A 216 -3.55 2.49 8.05
N ARG A 217 -3.44 2.27 9.35
CA ARG A 217 -4.33 1.38 10.10
C ARG A 217 -5.60 2.12 10.57
N PRO A 218 -6.80 1.56 10.28
CA PRO A 218 -8.05 2.25 10.63
C PRO A 218 -8.47 2.05 12.10
N PRO A 219 -9.37 2.92 12.59
CA PRO A 219 -9.79 2.84 13.98
C PRO A 219 -10.47 1.53 14.37
N GLU A 220 -11.23 0.92 13.46
CA GLU A 220 -11.89 -0.35 13.79
C GLU A 220 -10.89 -1.47 14.04
N VAL A 221 -9.71 -1.37 13.43
CA VAL A 221 -8.64 -2.33 13.67
C VAL A 221 -8.00 -2.06 15.03
N ILE A 222 -7.61 -0.81 15.27
CA ILE A 222 -7.05 -0.44 16.57
C ILE A 222 -8.00 -0.87 17.72
N LEU A 223 -9.29 -0.65 17.52
CA LEU A 223 -10.29 -0.91 18.57
C LEU A 223 -10.80 -2.36 18.57
N GLU A 224 -10.29 -3.17 17.66
CA GLU A 224 -10.63 -4.60 17.57
C GLU A 224 -12.14 -4.85 17.43
N LEU A 225 -12.75 -4.10 16.52
CA LEU A 225 -14.19 -4.14 16.30
C LEU A 225 -14.57 -5.00 15.10
N GLY A 226 -13.58 -5.68 14.53
CA GLY A 226 -13.78 -6.38 13.26
C GLY A 226 -13.50 -5.44 12.09
N TRP A 227 -13.07 -6.00 10.98
CA TRP A 227 -12.76 -5.21 9.80
C TRP A 227 -13.11 -5.97 8.54
N ALA A 228 -13.25 -5.23 7.45
CA ALA A 228 -13.50 -5.80 6.14
C ALA A 228 -12.97 -4.81 5.09
N GLN A 229 -13.60 -4.77 3.93
CA GLN A 229 -13.14 -3.90 2.84
C GLN A 229 -12.92 -2.41 3.22
N PRO A 230 -13.76 -1.84 4.12
CA PRO A 230 -13.53 -0.44 4.47
C PRO A 230 -12.13 -0.16 5.03
N CYS A 231 -11.48 -1.18 5.58
CA CYS A 231 -10.10 -1.03 6.05
C CYS A 231 -9.21 -0.42 4.95
N ASP A 232 -9.33 -0.98 3.74
CA ASP A 232 -8.54 -0.51 2.60
C ASP A 232 -8.84 0.94 2.23
N VAL A 233 -10.09 1.36 2.42
CA VAL A 233 -10.49 2.71 2.06
C VAL A 233 -9.82 3.74 2.98
N TRP A 234 -9.79 3.43 4.27
CA TRP A 234 -9.05 4.25 5.23
C TRP A 234 -7.58 4.37 4.82
N SER A 235 -6.95 3.23 4.54
CA SER A 235 -5.55 3.23 4.11
C SER A 235 -5.33 4.12 2.89
N ILE A 236 -6.23 4.04 1.90
CA ILE A 236 -6.13 4.89 0.72
C ILE A 236 -6.21 6.37 1.08
N GLY A 237 -7.13 6.73 1.97
CA GLY A 237 -7.21 8.13 2.41
C GLY A 237 -5.90 8.62 3.01
N CYS A 238 -5.28 7.78 3.83
CA CYS A 238 -3.98 8.11 4.44
C CYS A 238 -2.89 8.24 3.38
N ILE A 239 -2.91 7.36 2.39
CA ILE A 239 -1.94 7.39 1.30
C ILE A 239 -2.08 8.68 0.48
N LEU A 240 -3.31 9.07 0.18
CA LEU A 240 -3.52 10.27 -0.62
C LEU A 240 -3.01 11.51 0.09
N PHE A 241 -3.24 11.59 1.41
CA PHE A 241 -2.74 12.71 2.18
C PHE A 241 -1.22 12.78 2.05
N GLU A 242 -0.58 11.63 2.19
CA GLU A 242 0.88 11.54 2.14
C GLU A 242 1.42 11.88 0.73
N TYR A 243 0.72 11.48 -0.32
CA TYR A 243 1.12 11.89 -1.67
C TYR A 243 1.03 13.40 -1.85
N TYR A 244 0.01 13.98 -1.23
CA TYR A 244 -0.30 15.39 -1.37
C TYR A 244 0.62 16.32 -0.56
N ARG A 245 1.00 15.88 0.64
CA ARG A 245 1.85 16.69 1.53
C ARG A 245 3.29 16.19 1.61
N GLY A 246 3.48 14.89 1.40
CA GLY A 246 4.82 14.30 1.45
C GLY A 246 5.19 13.73 2.80
N PHE A 247 4.39 14.02 3.83
CA PHE A 247 4.55 13.44 5.16
C PHE A 247 3.29 12.64 5.55
N THR A 248 3.44 11.72 6.50
CA THR A 248 2.32 10.89 6.94
C THR A 248 1.26 11.70 7.68
N LEU A 249 0.01 11.29 7.51
CA LEU A 249 -1.08 11.90 8.27
C LEU A 249 -0.97 11.59 9.76
N PHE A 250 -0.64 10.35 10.09
CA PHE A 250 -0.56 9.90 11.48
C PHE A 250 0.85 9.44 11.81
N GLN A 251 1.69 10.37 12.25
CA GLN A 251 3.07 10.06 12.58
C GLN A 251 3.16 9.73 14.07
N THR A 252 2.92 8.45 14.36
CA THR A 252 2.76 7.95 15.71
C THR A 252 3.09 6.47 15.72
N HIS A 253 3.40 5.94 16.89
CA HIS A 253 3.63 4.51 17.02
C HIS A 253 2.93 3.89 18.22
N GLU A 254 1.83 4.48 18.65
CA GLU A 254 1.12 3.99 19.82
C GLU A 254 -0.36 4.27 19.69
N ASN A 255 -1.18 3.27 20.04
CA ASN A 255 -2.63 3.31 19.81
C ASN A 255 -3.37 4.50 20.40
N ARG A 256 -3.14 4.79 21.69
CA ARG A 256 -3.91 5.83 22.36
C ARG A 256 -3.62 7.18 21.70
N GLU A 257 -2.34 7.47 21.46
CA GLU A 257 -1.94 8.69 20.77
C GLU A 257 -2.53 8.75 19.35
N HIS A 258 -2.48 7.63 18.64
CA HIS A 258 -3.03 7.52 17.29
C HIS A 258 -4.52 7.90 17.29
N LEU A 259 -5.28 7.35 18.23
CA LEU A 259 -6.69 7.66 18.33
C LEU A 259 -6.95 9.14 18.66
N VAL A 260 -6.12 9.72 19.53
CA VAL A 260 -6.19 11.13 19.84
C VAL A 260 -5.93 11.97 18.59
N MET A 261 -4.92 11.59 17.81
CA MET A 261 -4.65 12.27 16.55
C MET A 261 -5.82 12.21 15.60
N MET A 262 -6.43 11.03 15.49
CA MET A 262 -7.64 10.89 14.69
C MET A 262 -8.73 11.89 15.14
N GLU A 263 -8.94 12.00 16.44
CA GLU A 263 -9.97 12.93 16.94
C GLU A 263 -9.65 14.39 16.62
N LYS A 264 -8.40 14.78 16.83
CA LYS A 264 -7.98 16.17 16.57
C LYS A 264 -8.08 16.53 15.09
N ILE A 265 -7.80 15.56 14.23
CA ILE A 265 -7.78 15.81 12.79
C ILE A 265 -9.15 15.66 12.15
N LEU A 266 -9.94 14.72 12.66
CA LEU A 266 -11.17 14.29 11.99
C LEU A 266 -12.46 14.56 12.74
N GLY A 267 -12.37 14.83 14.04
CA GLY A 267 -13.57 15.02 14.86
C GLY A 267 -13.79 13.86 15.84
N PRO A 268 -14.91 13.90 16.59
CA PRO A 268 -15.09 12.92 17.67
C PRO A 268 -15.34 11.50 17.18
N ILE A 269 -14.77 10.52 17.88
CA ILE A 269 -15.06 9.11 17.61
C ILE A 269 -16.50 8.84 18.00
N PRO A 270 -17.26 8.17 17.11
CA PRO A 270 -18.66 7.80 17.43
C PRO A 270 -18.72 7.01 18.73
N SER A 271 -19.64 7.39 19.62
CA SER A 271 -19.74 6.75 20.94
C SER A 271 -19.96 5.24 20.87
N HIS A 272 -20.68 4.77 19.85
CA HIS A 272 -20.95 3.34 19.76
C HIS A 272 -19.67 2.51 19.58
N MET A 273 -18.66 3.09 18.93
CA MET A 273 -17.39 2.40 18.73
C MET A 273 -16.62 2.28 20.05
N ILE A 274 -16.70 3.31 20.88
CA ILE A 274 -16.08 3.31 22.20
C ILE A 274 -16.79 2.32 23.14
N HIS A 275 -18.12 2.32 23.06
CA HIS A 275 -18.92 1.42 23.88
CA HIS A 275 -18.98 1.43 23.82
C HIS A 275 -18.62 -0.04 23.57
N ARG A 276 -18.30 -0.35 22.31
CA ARG A 276 -18.09 -1.73 21.87
C ARG A 276 -16.66 -2.28 21.92
N THR A 277 -15.68 -1.41 22.07
CA THR A 277 -14.28 -1.84 22.03
C THR A 277 -13.85 -2.53 23.31
N ARG A 278 -13.06 -3.59 23.17
CA ARG A 278 -12.44 -4.18 24.36
C ARG A 278 -11.24 -3.38 24.86
N LYS A 279 -10.81 -2.39 24.07
CA LYS A 279 -9.69 -1.53 24.43
C LYS A 279 -10.15 -0.39 25.36
N GLN A 280 -10.83 -0.79 26.43
CA GLN A 280 -11.41 0.17 27.37
C GLN A 280 -10.37 1.02 28.11
N LYS A 281 -9.17 0.49 28.25
CA LYS A 281 -8.07 1.19 28.95
C LYS A 281 -7.67 2.53 28.33
N TYR A 282 -7.99 2.73 27.05
CA TYR A 282 -7.68 4.00 26.40
C TYR A 282 -8.66 5.12 26.73
N PHE A 283 -9.75 4.75 27.40
CA PHE A 283 -10.87 5.66 27.65
C PHE A 283 -11.22 5.78 29.13
N TYR A 284 -11.78 6.93 29.48
CA TYR A 284 -12.36 7.14 30.79
C TYR A 284 -13.61 7.97 30.62
N LYS A 285 -14.73 7.45 31.11
CA LYS A 285 -16.02 8.12 31.00
C LYS A 285 -16.32 8.56 29.56
N GLY A 286 -15.99 7.67 28.61
CA GLY A 286 -16.30 7.87 27.21
C GLY A 286 -15.34 8.72 26.41
N GLY A 287 -14.30 9.25 27.06
CA GLY A 287 -13.32 10.10 26.39
C GLY A 287 -11.92 9.51 26.41
N LEU A 288 -11.14 9.80 25.38
CA LEU A 288 -9.75 9.35 25.32
C LEU A 288 -8.95 9.94 26.48
N VAL A 289 -8.17 9.09 27.13
CA VAL A 289 -7.25 9.52 28.18
C VAL A 289 -6.06 10.21 27.49
N TRP A 290 -5.86 11.50 27.78
CA TRP A 290 -4.83 12.26 27.10
C TRP A 290 -4.40 13.49 27.88
N ASP A 291 -3.09 13.60 28.13
CA ASP A 291 -2.49 14.77 28.78
C ASP A 291 -2.04 15.75 27.72
N GLU A 292 -2.77 16.85 27.59
CA GLU A 292 -2.51 17.89 26.60
C GLU A 292 -1.19 18.63 26.84
N ASN A 293 -0.71 18.60 28.09
CA ASN A 293 0.41 19.42 28.54
C ASN A 293 1.79 18.75 28.52
N SER A 294 1.80 17.43 28.35
CA SER A 294 3.03 16.66 28.25
C SER A 294 3.78 16.98 26.94
N SER A 295 5.00 16.47 26.81
CA SER A 295 5.79 16.65 25.59
CA SER A 295 5.79 16.65 25.59
C SER A 295 5.03 16.15 24.35
N ASP A 296 4.43 14.96 24.48
CA ASP A 296 3.64 14.40 23.38
C ASP A 296 2.34 15.17 23.17
N GLY A 297 1.71 15.60 24.27
CA GLY A 297 0.54 16.46 24.19
C GLY A 297 0.82 17.70 23.36
N ARG A 298 2.00 18.29 23.58
CA ARG A 298 2.39 19.50 22.85
C ARG A 298 2.71 19.24 21.37
N TYR A 299 3.39 18.13 21.10
CA TYR A 299 3.66 17.72 19.71
C TYR A 299 2.33 17.54 18.98
N VAL A 300 1.40 16.83 19.60
CA VAL A 300 0.09 16.58 18.99
C VAL A 300 -0.70 17.88 18.83
N LYS A 301 -0.74 18.71 19.87
CA LYS A 301 -1.50 19.96 19.80
C LYS A 301 -0.98 20.91 18.72
N GLU A 302 0.33 20.92 18.54
CA GLU A 302 0.98 21.79 17.57
C GLU A 302 1.04 21.21 16.15
N ASN A 303 1.02 19.89 16.03
CA ASN A 303 1.16 19.24 14.72
C ASN A 303 -0.11 18.66 14.12
N CYS A 304 -1.09 18.36 14.96
CA CYS A 304 -2.32 17.68 14.51
C CYS A 304 -3.52 18.60 14.56
N LYS A 305 -3.89 19.11 13.39
CA LYS A 305 -4.95 20.10 13.23
C LYS A 305 -6.07 19.53 12.37
N PRO A 306 -7.25 20.20 12.33
CA PRO A 306 -8.34 19.71 11.49
C PRO A 306 -7.88 19.46 10.05
N LEU A 307 -8.38 18.38 9.45
CA LEU A 307 -7.92 17.93 8.14
C LEU A 307 -7.83 19.05 7.08
N LYS A 308 -8.84 19.91 7.00
CA LYS A 308 -8.88 20.96 5.98
C LYS A 308 -7.72 21.95 6.07
N SER A 309 -7.14 22.09 7.25
CA SER A 309 -6.03 23.01 7.45
C SER A 309 -4.80 22.63 6.63
N TYR A 310 -4.74 21.39 6.17
CA TYR A 310 -3.58 20.88 5.41
C TYR A 310 -3.63 21.16 3.91
N MET A 311 -4.71 21.78 3.43
CA MET A 311 -4.81 22.18 2.03
CA MET A 311 -4.80 22.18 2.02
C MET A 311 -3.69 23.17 1.68
N LEU A 312 -3.08 22.99 0.52
CA LEU A 312 -2.01 23.89 0.06
C LEU A 312 -2.55 25.01 -0.84
N GLN A 313 -3.72 24.78 -1.43
CA GLN A 313 -4.43 25.79 -2.21
C GLN A 313 -5.89 25.78 -1.79
N ASP A 314 -6.62 26.82 -2.18
CA ASP A 314 -8.04 26.95 -1.81
C ASP A 314 -8.96 26.70 -3.00
N SER A 315 -8.36 26.37 -4.15
CA SER A 315 -9.12 26.16 -5.38
C SER A 315 -9.92 24.86 -5.37
N LEU A 316 -10.88 24.79 -6.29
CA LEU A 316 -11.86 23.71 -6.37
C LEU A 316 -11.27 22.30 -6.31
N GLU A 317 -10.21 22.04 -7.08
CA GLU A 317 -9.69 20.69 -7.15
C GLU A 317 -9.10 20.24 -5.81
N HIS A 318 -8.55 21.17 -5.04
CA HIS A 318 -8.02 20.88 -3.70
C HIS A 318 -9.15 20.63 -2.69
N VAL A 319 -10.20 21.44 -2.78
CA VAL A 319 -11.39 21.25 -1.95
C VAL A 319 -12.00 19.89 -2.25
N GLN A 320 -12.08 19.53 -3.53
CA GLN A 320 -12.61 18.23 -3.94
CA GLN A 320 -12.64 18.24 -3.92
C GLN A 320 -11.79 17.07 -3.40
N LEU A 321 -10.45 17.18 -3.52
CA LEU A 321 -9.57 16.16 -2.93
C LEU A 321 -9.85 15.97 -1.44
N PHE A 322 -9.95 17.07 -0.71
CA PHE A 322 -10.15 16.97 0.72
C PHE A 322 -11.52 16.47 1.12
N ASP A 323 -12.54 16.76 0.32
CA ASP A 323 -13.86 16.17 0.50
C ASP A 323 -13.80 14.64 0.36
N LEU A 324 -13.18 14.16 -0.71
CA LEU A 324 -13.03 12.72 -0.90
C LEU A 324 -12.20 12.08 0.22
N MET A 325 -11.09 12.72 0.59
CA MET A 325 -10.23 12.19 1.65
CA MET A 325 -10.23 12.21 1.65
C MET A 325 -10.99 12.06 2.96
N ARG A 326 -11.79 13.07 3.30
CA ARG A 326 -12.57 13.02 4.53
C ARG A 326 -13.59 11.88 4.52
N ARG A 327 -14.20 11.64 3.36
CA ARG A 327 -15.12 10.50 3.19
C ARG A 327 -14.42 9.15 3.35
N MET A 328 -13.15 9.08 2.95
CA MET A 328 -12.36 7.87 3.11
C MET A 328 -11.91 7.70 4.55
N LEU A 329 -11.79 8.80 5.27
CA LEU A 329 -11.34 8.80 6.66
C LEU A 329 -12.48 8.89 7.67
N GLU A 330 -13.64 8.36 7.32
CA GLU A 330 -14.77 8.29 8.25
CA GLU A 330 -14.77 8.28 8.23
C GLU A 330 -14.46 7.23 9.31
N PHE A 331 -14.64 7.60 10.57
CA PHE A 331 -14.38 6.70 11.69
C PHE A 331 -15.15 5.40 11.58
N ASP A 332 -16.46 5.52 11.39
CA ASP A 332 -17.32 4.36 11.34
C ASP A 332 -17.18 3.68 9.98
N PRO A 333 -16.64 2.45 9.96
CA PRO A 333 -16.44 1.79 8.67
C PRO A 333 -17.75 1.57 7.90
N ALA A 334 -18.88 1.52 8.60
CA ALA A 334 -20.18 1.39 7.94
C ALA A 334 -20.58 2.68 7.19
N GLN A 335 -20.05 3.81 7.62
CA GLN A 335 -20.38 5.10 7.02
C GLN A 335 -19.33 5.56 6.00
N ARG A 336 -18.17 4.91 6.02
CA ARG A 336 -17.06 5.24 5.15
C ARG A 336 -17.46 5.04 3.69
N ILE A 337 -17.01 5.95 2.82
CA ILE A 337 -17.29 5.82 1.40
C ILE A 337 -16.79 4.47 0.86
N THR A 338 -17.55 3.84 -0.02
CA THR A 338 -17.04 2.67 -0.74
C THR A 338 -16.27 3.13 -1.97
N LEU A 339 -15.41 2.28 -2.51
CA LEU A 339 -14.64 2.67 -3.69
C LEU A 339 -15.48 2.81 -4.96
N ALA A 340 -16.55 2.01 -5.06
CA ALA A 340 -17.52 2.21 -6.13
C ALA A 340 -18.09 3.63 -6.09
N GLU A 341 -18.44 4.12 -4.90
CA GLU A 341 -18.89 5.51 -4.73
C GLU A 341 -17.76 6.51 -4.98
N ALA A 342 -16.56 6.22 -4.50
CA ALA A 342 -15.42 7.12 -4.66
C ALA A 342 -15.10 7.42 -6.13
N LEU A 343 -15.28 6.40 -6.98
CA LEU A 343 -15.00 6.54 -8.41
C LEU A 343 -15.93 7.55 -9.10
N LEU A 344 -17.05 7.83 -8.47
CA LEU A 344 -18.04 8.80 -8.97
C LEU A 344 -17.89 10.18 -8.35
N HIS A 345 -16.92 10.35 -7.45
CA HIS A 345 -16.72 11.63 -6.76
C HIS A 345 -16.30 12.72 -7.74
N PRO A 346 -16.80 13.97 -7.54
CA PRO A 346 -16.45 15.05 -8.47
C PRO A 346 -14.95 15.37 -8.60
N PHE A 347 -14.14 14.94 -7.65
CA PHE A 347 -12.68 15.11 -7.72
C PHE A 347 -12.15 14.51 -9.02
N PHE A 348 -12.80 13.45 -9.49
CA PHE A 348 -12.35 12.75 -10.69
C PHE A 348 -12.92 13.29 -12.00
N ALA A 349 -13.72 14.35 -11.91
CA ALA A 349 -14.12 15.08 -13.12
C ALA A 349 -12.89 15.73 -13.77
N GLY A 350 -11.87 16.04 -12.96
CA GLY A 350 -10.64 16.67 -13.43
C GLY A 350 -9.69 15.81 -14.23
N LEU A 351 -10.00 14.52 -14.35
CA LEU A 351 -9.18 13.58 -15.15
C LEU A 351 -9.34 13.80 -16.65
N THR A 352 -8.32 13.37 -17.41
CA THR A 352 -8.39 13.39 -18.87
C THR A 352 -8.93 12.05 -19.40
N PRO A 353 -9.59 12.07 -20.58
CA PRO A 353 -9.93 10.84 -21.28
C PRO A 353 -8.67 10.18 -21.86
N GLU A 354 -7.84 9.68 -20.95
CA GLU A 354 -6.50 9.17 -21.21
C GLU A 354 -5.98 8.64 -19.87
N GLU A 355 -6.18 9.44 -18.83
CA GLU A 355 -5.92 9.03 -17.45
C GLU A 355 -6.95 7.97 -17.01
N ARG A 356 -8.04 7.88 -17.75
CA ARG A 356 -9.09 6.90 -17.49
C ARG A 356 -8.86 5.57 -18.22
N SER A 357 -7.85 5.52 -19.08
CA SER A 357 -7.49 4.29 -19.78
C SER A 357 -6.50 3.49 -18.94
N PHE A 358 -6.80 2.21 -18.74
CA PHE A 358 -5.98 1.36 -17.87
C PHE A 358 -5.24 0.27 -18.64
C1 EAQ B . 8.05 -5.78 -8.82
C3 EAQ B . 7.77 -6.44 -6.62
C11 EAQ B . 5.78 -7.80 -5.88
C12 EAQ B . 11.76 -3.12 -8.46
C13 EAQ B . 12.72 -2.16 -9.11
C15 EAQ B . 13.20 -1.06 -8.38
C17 EAQ B . 14.47 -0.29 -10.23
C18 EAQ B . 14.01 -1.37 -11.01
C19 EAQ B . 13.12 -2.30 -10.45
C20 EAQ B . 15.45 0.79 -10.76
C21 EAQ B . 14.71 2.16 -10.87
C22 EAQ B . 16.61 0.95 -9.74
C23 EAQ B . 16.05 0.39 -12.13
C24 EAQ B . 4.49 -8.17 -6.01
C27 EAQ B . 6.12 -8.17 -4.50
N2 EAQ B . 8.45 -5.81 -7.58
C4 EAQ B . 6.63 -7.13 -6.91
C5 EAQ B . 6.18 -7.16 -8.32
C6 EAQ B . 6.87 -6.52 -9.26
N7 EAQ B . 8.82 -5.09 -9.53
C8 EAQ B . 9.85 -4.56 -8.70
C9 EAQ B . 9.54 -5.04 -7.47
N10 EAQ B . 10.81 -3.74 -9.20
O14 EAQ B . 11.84 -3.28 -7.26
N16 EAQ B . 14.04 -0.18 -8.95
N25 EAQ B . 4.06 -8.69 -4.88
N26 EAQ B . 5.05 -8.68 -3.99
#